data_7O09
#
_entry.id   7O09
#
_cell.length_a   63.960
_cell.length_b   63.960
_cell.length_c   226.010
_cell.angle_alpha   90.000
_cell.angle_beta   90.000
_cell.angle_gamma   120.000
#
_symmetry.space_group_name_H-M   'P 32 2 1'
#
loop_
_entity.id
_entity.type
_entity.pdbx_description
1 polymer 'N6-adenosine-methyltransferase catalytic subunit'
2 polymer 'N6-adenosine-methyltransferase non-catalytic subunit'
3 non-polymer 6-[4-[6-[(4,4-dimethylpiperidin-1-yl)methyl]pyridin-3-yl]-1-oxa-4,9-diazaspiro[5.5]undecan-9-yl]-N-(phenylmethyl)pyrimidin-4-amine
4 non-polymer 'ACETATE ION'
5 water water
#
loop_
_entity_poly.entity_id
_entity_poly.type
_entity_poly.pdbx_seq_one_letter_code
_entity_poly.pdbx_strand_id
1 'polypeptide(L)'
;MGHHHHHHSSGRENLYFQGALTQSVGGDSSADRLFPPQWICCDIRYLDVSILGKFAVVMADPPWDIHMELPYGTLTDDEM
RRLNIPVLQDDGFLFLWVTGRAMELGRECLNLWGYERVDEIIWVKTNQLQRIIRTGRTGHWLNHGKEHCLVGVKGNPQGF
NQGLDCDVIVAEVRSTSHKPDEIYGMIERLSPGTRKIELFGRPHNVQPNWITLGNQLDGIHLLDPDVVARFKQRYPDGII
SKPKNL
;
A
2 'polypeptide(L)'
;MLKGTQSLNPHNDYCQHFVDTGHRPQNFIRDVGLADRFEEYPKLRELIRLKDELIAKSNTPPMYLQADIEAFDIRELTPK
FDVILLEPPLEEYYRETGITANEKCWTWDDIMKLEIDEIAAPRSFIFLWCGSGEGLDLGRVCLRKWGYRRCEDICWIKTN
KNNPGKTKTLDPKAVFQRTKEHCLMGIKGTVKRSTDGDFIHANVDIDLIITEEPEIGNIEKPVEIFHIIEHFCLGRRRLH
LFGRDSTIRPGWLTVGPTLTNSNYNAETYASYFSAPNSYLTGCTEEIERL
;
B
#
loop_
_chem_comp.id
_chem_comp.type
_chem_comp.name
_chem_comp.formula
ACT non-polymer 'ACETATE ION' 'C2 H3 O2 -1'
UXK non-polymer 6-[4-[6-[(4,4-dimethylpiperidin-1-yl)methyl]pyridin-3-yl]-1-oxa-4,9-diazaspiro[5.5]undecan-9-yl]-N-(phenylmethyl)pyrimidin-4-amine 'C32 H43 N7 O'
#
# COMPACT_ATOMS: atom_id res chain seq x y z
N LEU A 34 -29.67 18.42 -0.23
CA LEU A 34 -29.54 19.77 -0.78
C LEU A 34 -28.09 20.07 -1.19
N PHE A 35 -27.88 20.22 -2.50
CA PHE A 35 -26.64 20.47 -3.23
C PHE A 35 -25.53 21.25 -2.48
N PRO A 36 -25.80 22.43 -1.89
CA PRO A 36 -24.65 23.26 -1.38
C PRO A 36 -23.99 22.66 -0.15
N PRO A 37 -22.77 23.11 0.18
CA PRO A 37 -22.02 22.51 1.30
C PRO A 37 -22.77 22.61 2.61
N GLN A 38 -22.67 21.55 3.42
CA GLN A 38 -23.27 21.53 4.75
C GLN A 38 -22.25 20.98 5.74
N TRP A 39 -22.39 21.35 7.02
CA TRP A 39 -21.42 20.86 7.98
C TRP A 39 -21.97 20.96 9.40
N ILE A 40 -21.32 20.21 10.29
CA ILE A 40 -21.68 20.16 11.71
C ILE A 40 -20.40 20.16 12.52
N CYS A 41 -20.19 21.21 13.31
CA CYS A 41 -19.11 21.17 14.28
C CYS A 41 -19.52 20.24 15.41
N CYS A 42 -18.73 19.21 15.66
CA CYS A 42 -19.12 18.25 16.67
C CYS A 42 -17.91 17.39 17.05
N ASP A 43 -18.06 16.69 18.16
CA ASP A 43 -17.18 15.58 18.50
C ASP A 43 -17.77 14.34 17.83
N ILE A 44 -17.04 13.79 16.86
CA ILE A 44 -17.58 12.68 16.12
C ILE A 44 -17.77 11.44 17.00
N ARG A 45 -17.07 11.38 18.14
CA ARG A 45 -17.31 10.28 19.08
C ARG A 45 -18.72 10.31 19.64
N TYR A 46 -19.33 11.49 19.74
CA TYR A 46 -20.57 11.62 20.49
C TYR A 46 -21.79 11.99 19.64
N LEU A 47 -21.61 12.51 18.44
CA LEU A 47 -22.75 12.84 17.60
C LEU A 47 -23.57 11.59 17.31
N ASP A 48 -24.88 11.72 17.36
CA ASP A 48 -25.80 10.67 16.94
C ASP A 48 -25.92 10.77 15.42
N VAL A 49 -25.10 10.00 14.69
CA VAL A 49 -25.07 10.13 13.24
C VAL A 49 -26.27 9.48 12.57
N SER A 50 -27.16 8.83 13.33
CA SER A 50 -28.38 8.30 12.74
C SER A 50 -29.28 9.40 12.19
N ILE A 51 -29.11 10.64 12.63
CA ILE A 51 -29.93 11.74 12.12
C ILE A 51 -29.56 12.16 10.71
N LEU A 52 -28.45 11.67 10.17
CA LEU A 52 -27.93 12.18 8.90
C LEU A 52 -28.43 11.42 7.68
N GLY A 53 -29.08 10.27 7.87
CA GLY A 53 -29.51 9.49 6.73
C GLY A 53 -28.39 8.63 6.17
N LYS A 54 -28.56 8.19 4.91
CA LYS A 54 -27.68 7.25 4.24
C LYS A 54 -26.91 7.93 3.11
N PHE A 55 -25.68 7.46 2.86
CA PHE A 55 -24.80 8.14 1.92
C PHE A 55 -24.24 7.17 0.90
N ALA A 56 -24.08 7.66 -0.33
CA ALA A 56 -23.46 6.85 -1.35
C ALA A 56 -21.97 6.68 -1.09
N VAL A 57 -21.33 7.70 -0.53
CA VAL A 57 -19.89 7.68 -0.27
C VAL A 57 -19.64 8.27 1.10
N VAL A 58 -18.76 7.61 1.85
CA VAL A 58 -18.21 8.11 3.11
C VAL A 58 -16.72 8.31 2.91
N MET A 59 -16.19 9.45 3.36
CA MET A 59 -14.74 9.58 3.42
C MET A 59 -14.32 10.00 4.82
N ALA A 60 -13.21 9.42 5.30
CA ALA A 60 -12.70 9.77 6.61
C ALA A 60 -11.18 9.88 6.56
N ASP A 61 -10.67 10.88 7.29
CA ASP A 61 -9.23 11.09 7.45
C ASP A 61 -8.97 11.15 8.94
N PRO A 62 -9.00 10.01 9.63
CA PRO A 62 -9.05 10.02 11.09
C PRO A 62 -7.74 10.46 11.69
N PRO A 63 -7.77 11.04 12.88
CA PRO A 63 -6.53 11.34 13.64
C PRO A 63 -6.12 10.10 14.43
N TRP A 64 -5.56 9.13 13.69
CA TRP A 64 -5.14 7.86 14.26
C TRP A 64 -4.08 8.10 15.34
N ASP A 65 -4.10 7.22 16.35
CA ASP A 65 -3.18 7.28 17.48
C ASP A 65 -1.89 6.55 17.08
N ILE A 66 -1.03 7.25 16.36
CA ILE A 66 0.18 6.64 15.85
C ILE A 66 1.42 7.39 16.30
N TYR A 72 -4.67 18.03 16.29
CA TYR A 72 -4.17 17.89 17.66
C TYR A 72 -4.68 16.63 18.33
N GLY A 73 -5.97 16.64 18.67
CA GLY A 73 -6.56 15.51 19.36
C GLY A 73 -6.68 14.30 18.45
N THR A 74 -6.45 13.13 19.05
CA THR A 74 -6.55 11.87 18.35
C THR A 74 -7.64 11.02 18.99
N LEU A 75 -7.93 9.90 18.35
CA LEU A 75 -8.84 8.90 18.90
C LEU A 75 -8.05 7.64 19.18
N THR A 76 -8.38 6.97 20.28
CA THR A 76 -7.75 5.69 20.55
C THR A 76 -8.24 4.66 19.55
N ASP A 77 -7.49 3.56 19.44
CA ASP A 77 -7.92 2.47 18.57
C ASP A 77 -9.34 2.00 18.90
N ASP A 78 -9.68 1.95 20.19
CA ASP A 78 -11.03 1.55 20.60
C ASP A 78 -12.07 2.58 20.18
N GLU A 79 -11.75 3.88 20.29
CA GLU A 79 -12.71 4.90 19.87
C GLU A 79 -13.00 4.81 18.37
N MET A 80 -11.95 4.54 17.58
CA MET A 80 -12.14 4.32 16.15
C MET A 80 -13.00 3.11 15.87
N ARG A 81 -12.69 1.97 16.51
CA ARG A 81 -13.50 0.78 16.30
C ARG A 81 -14.97 1.06 16.59
N ARG A 82 -15.23 1.85 17.64
CA ARG A 82 -16.58 2.08 18.12
C ARG A 82 -17.35 3.12 17.31
N LEU A 83 -16.72 3.82 16.37
CA LEU A 83 -17.45 4.80 15.56
C LEU A 83 -18.64 4.13 14.88
N ASN A 84 -19.79 4.81 14.89
CA ASN A 84 -20.99 4.22 14.32
C ASN A 84 -21.03 4.38 12.80
N ILE A 85 -19.93 4.00 12.14
CA ILE A 85 -19.92 3.98 10.67
C ILE A 85 -21.02 3.11 10.07
N PRO A 86 -21.36 1.94 10.65
CA PRO A 86 -22.34 1.06 9.97
C PRO A 86 -23.70 1.67 9.69
N VAL A 87 -24.14 2.70 10.43
CA VAL A 87 -25.44 3.30 10.15
C VAL A 87 -25.41 4.26 8.97
N LEU A 88 -24.23 4.67 8.49
CA LEU A 88 -24.14 5.73 7.49
C LEU A 88 -24.44 5.28 6.07
N GLN A 89 -24.37 3.98 5.76
CA GLN A 89 -24.58 3.52 4.40
C GLN A 89 -25.31 2.19 4.38
N ASP A 90 -26.04 1.94 3.30
CA ASP A 90 -26.54 0.62 2.98
C ASP A 90 -25.74 -0.02 1.83
N ASP A 91 -25.54 0.72 0.76
CA ASP A 91 -24.77 0.27 -0.40
C ASP A 91 -23.90 1.42 -0.84
N GLY A 92 -22.58 1.23 -0.85
CA GLY A 92 -21.72 2.28 -1.34
C GLY A 92 -20.28 2.08 -0.90
N PHE A 93 -19.51 3.16 -1.02
CA PHE A 93 -18.07 3.10 -0.89
C PHE A 93 -17.59 3.94 0.30
N LEU A 94 -16.51 3.50 0.91
CA LEU A 94 -15.84 4.24 1.98
C LEU A 94 -14.41 4.48 1.57
N PHE A 95 -13.96 5.71 1.74
CA PHE A 95 -12.58 6.11 1.47
C PHE A 95 -11.94 6.44 2.81
N LEU A 96 -10.87 5.72 3.16
CA LEU A 96 -10.27 5.79 4.49
C LEU A 96 -8.77 6.05 4.37
N TRP A 97 -8.34 7.23 4.75
CA TRP A 97 -6.93 7.57 4.72
C TRP A 97 -6.21 6.89 5.86
N VAL A 98 -5.02 6.35 5.58
CA VAL A 98 -4.23 5.58 6.55
C VAL A 98 -2.76 5.90 6.36
N THR A 99 -2.01 5.87 7.46
CA THR A 99 -0.56 5.97 7.45
C THR A 99 -0.01 5.09 8.57
N GLY A 100 1.26 4.71 8.42
CA GLY A 100 1.93 3.99 9.50
C GLY A 100 1.17 2.73 9.88
N ARG A 101 0.97 2.53 11.20
CA ARG A 101 0.31 1.30 11.59
C ARG A 101 -1.19 1.34 11.36
N ALA A 102 -1.75 2.51 11.01
CA ALA A 102 -3.14 2.55 10.58
C ALA A 102 -3.35 1.92 9.23
N MET A 103 -2.27 1.62 8.50
CA MET A 103 -2.44 0.76 7.33
C MET A 103 -3.09 -0.55 7.73
N GLU A 104 -2.75 -1.05 8.91
CA GLU A 104 -3.31 -2.29 9.42
C GLU A 104 -4.55 -2.02 10.28
N LEU A 105 -4.47 -1.06 11.19
CA LEU A 105 -5.65 -0.75 12.01
C LEU A 105 -6.81 -0.28 11.15
N GLY A 106 -6.53 0.50 10.10
CA GLY A 106 -7.59 0.92 9.21
C GLY A 106 -8.26 -0.24 8.50
N ARG A 107 -7.48 -1.27 8.12
CA ARG A 107 -8.10 -2.45 7.52
C ARG A 107 -9.00 -3.15 8.52
N GLU A 108 -8.55 -3.24 9.78
CA GLU A 108 -9.37 -3.82 10.83
C GLU A 108 -10.69 -3.06 10.98
N CYS A 109 -10.64 -1.73 11.06
CA CYS A 109 -11.87 -0.95 11.21
C CYS A 109 -12.78 -1.13 10.00
N LEU A 110 -12.21 -0.99 8.79
CA LEU A 110 -12.95 -1.25 7.56
CA LEU A 110 -12.94 -1.26 7.56
C LEU A 110 -13.75 -2.54 7.65
N ASN A 111 -13.11 -3.64 8.05
CA ASN A 111 -13.83 -4.92 8.11
C ASN A 111 -14.84 -4.93 9.26
N LEU A 112 -14.43 -4.44 10.44
CA LEU A 112 -15.35 -4.40 11.58
C LEU A 112 -16.61 -3.63 11.24
N TRP A 113 -16.46 -2.50 10.54
CA TRP A 113 -17.63 -1.70 10.16
C TRP A 113 -18.44 -2.34 9.05
N GLY A 114 -18.04 -3.47 8.48
CA GLY A 114 -18.84 -4.14 7.47
C GLY A 114 -18.44 -3.88 6.02
N TYR A 115 -17.21 -3.47 5.76
CA TYR A 115 -16.75 -3.21 4.41
C TYR A 115 -15.73 -4.27 3.99
N GLU A 116 -15.62 -4.49 2.68
CA GLU A 116 -14.51 -5.21 2.08
C GLU A 116 -13.61 -4.21 1.35
N ARG A 117 -12.29 -4.29 1.60
CA ARG A 117 -11.38 -3.40 0.89
C ARG A 117 -11.23 -3.89 -0.55
N VAL A 118 -11.56 -3.04 -1.52
CA VAL A 118 -11.53 -3.45 -2.92
C VAL A 118 -10.60 -2.60 -3.77
N ASP A 119 -10.00 -1.55 -3.21
CA ASP A 119 -9.04 -0.71 -3.93
C ASP A 119 -8.20 0.05 -2.92
N GLU A 120 -7.12 0.66 -3.41
CA GLU A 120 -6.24 1.42 -2.53
C GLU A 120 -5.62 2.51 -3.38
N ILE A 121 -6.05 3.73 -3.15
CA ILE A 121 -5.53 4.87 -3.88
C ILE A 121 -4.23 5.29 -3.25
N ILE A 122 -3.27 5.69 -4.07
CA ILE A 122 -2.00 6.27 -3.63
CA ILE A 122 -2.09 6.33 -3.51
C ILE A 122 -1.96 7.71 -4.11
N TRP A 123 -1.63 8.64 -3.24
CA TRP A 123 -1.39 10.02 -3.62
C TRP A 123 0.12 10.23 -3.62
N VAL A 124 0.69 10.42 -4.80
CA VAL A 124 2.11 10.77 -4.92
C VAL A 124 2.24 12.26 -4.70
N LYS A 125 3.01 12.64 -3.69
CA LYS A 125 3.10 14.01 -3.25
C LYS A 125 4.22 14.71 -4.02
N THR A 126 3.88 15.78 -4.73
CA THR A 126 4.83 16.54 -5.54
C THR A 126 4.86 18.00 -5.09
N ASN A 127 5.89 18.71 -5.55
CA ASN A 127 5.95 20.16 -5.44
C ASN A 127 5.29 20.79 -6.67
N GLN A 128 5.36 22.12 -6.78
CA GLN A 128 4.72 22.82 -7.89
C GLN A 128 5.35 22.47 -9.23
N LEU A 129 6.51 21.80 -9.24
CA LEU A 129 7.18 21.39 -10.47
C LEU A 129 7.12 19.89 -10.72
N GLN A 130 6.16 19.19 -10.11
CA GLN A 130 5.91 17.77 -10.38
C GLN A 130 7.07 16.88 -9.96
N ARG A 131 7.87 17.32 -8.99
CA ARG A 131 8.90 16.48 -8.40
C ARG A 131 8.39 15.90 -7.08
N ILE A 132 8.67 14.62 -6.86
CA ILE A 132 8.26 13.96 -5.62
C ILE A 132 8.93 14.64 -4.43
N ILE A 133 8.15 14.99 -3.42
CA ILE A 133 8.73 15.57 -2.21
C ILE A 133 9.59 14.54 -1.50
N HIS A 140 10.84 5.27 8.20
CA HIS A 140 11.99 4.88 9.02
C HIS A 140 13.06 4.17 8.21
N TRP A 141 12.67 3.19 7.41
CA TRP A 141 13.64 2.56 6.51
C TRP A 141 13.73 3.27 5.16
N LEU A 142 12.61 3.84 4.71
CA LEU A 142 12.51 4.52 3.43
C LEU A 142 11.92 5.91 3.64
N ASN A 143 12.34 6.86 2.81
CA ASN A 143 11.57 8.08 2.70
C ASN A 143 10.21 7.77 2.11
N HIS A 144 9.20 8.57 2.47
CA HIS A 144 7.83 8.32 2.05
C HIS A 144 7.43 9.33 0.98
N GLY A 145 7.00 8.85 -0.16
CA GLY A 145 6.65 9.76 -1.22
C GLY A 145 5.16 9.77 -1.49
N LYS A 146 4.40 9.06 -0.66
CA LYS A 146 2.99 8.86 -0.99
C LYS A 146 2.18 8.77 0.29
N GLU A 147 0.87 8.92 0.13
CA GLU A 147 -0.08 8.65 1.21
C GLU A 147 -1.11 7.70 0.63
N HIS A 148 -1.69 6.87 1.49
CA HIS A 148 -2.60 5.79 1.07
C HIS A 148 -4.04 6.09 1.49
N CYS A 149 -4.99 5.69 0.64
CA CYS A 149 -6.42 5.81 0.96
C CYS A 149 -7.07 4.48 0.62
N LEU A 150 -7.50 3.75 1.64
CA LEU A 150 -8.19 2.50 1.38
C LEU A 150 -9.57 2.76 0.81
N VAL A 151 -10.03 1.87 -0.07
CA VAL A 151 -11.38 1.99 -0.65
C VAL A 151 -12.14 0.73 -0.28
N GLY A 152 -13.20 0.90 0.51
CA GLY A 152 -14.04 -0.20 0.96
C GLY A 152 -15.40 -0.15 0.30
N VAL A 153 -16.03 -1.32 0.15
CA VAL A 153 -17.37 -1.40 -0.41
C VAL A 153 -18.27 -2.11 0.59
N LYS A 154 -19.49 -1.62 0.71
CA LYS A 154 -20.53 -2.22 1.56
C LYS A 154 -21.76 -2.50 0.71
N GLY A 155 -22.34 -3.68 0.89
CA GLY A 155 -23.50 -4.04 0.08
C GLY A 155 -23.14 -4.18 -1.38
N ASN A 156 -24.10 -3.83 -2.24
CA ASN A 156 -23.95 -3.97 -3.70
C ASN A 156 -24.32 -2.65 -4.36
N PRO A 157 -23.38 -1.72 -4.46
CA PRO A 157 -23.70 -0.43 -5.09
C PRO A 157 -24.07 -0.60 -6.56
N GLN A 158 -25.14 0.08 -6.96
CA GLN A 158 -25.58 0.06 -8.34
C GLN A 158 -25.59 1.47 -8.91
N GLY A 159 -25.14 1.60 -10.15
CA GLY A 159 -25.15 2.89 -10.83
C GLY A 159 -23.95 3.76 -10.57
N PHE A 160 -22.85 3.19 -10.11
CA PHE A 160 -21.62 3.94 -9.95
C PHE A 160 -20.77 3.76 -11.21
N ASN A 161 -19.91 4.73 -11.46
CA ASN A 161 -19.08 4.73 -12.68
C ASN A 161 -17.68 4.22 -12.34
N GLN A 162 -17.60 2.91 -12.10
CA GLN A 162 -16.33 2.32 -11.72
C GLN A 162 -15.40 2.23 -12.93
N GLY A 163 -14.13 2.55 -12.71
CA GLY A 163 -13.10 2.45 -13.72
C GLY A 163 -12.85 3.71 -14.53
N LEU A 164 -13.50 4.82 -14.19
CA LEU A 164 -13.24 6.06 -14.92
C LEU A 164 -11.89 6.65 -14.55
N ASP A 165 -11.53 6.56 -13.28
CA ASP A 165 -10.29 7.10 -12.78
C ASP A 165 -9.34 5.97 -12.46
N CYS A 166 -8.06 6.28 -12.39
CA CYS A 166 -7.10 5.29 -11.96
C CYS A 166 -6.73 5.54 -10.50
N ASP A 167 -5.95 4.62 -9.93
CA ASP A 167 -5.76 4.58 -8.49
C ASP A 167 -4.49 5.30 -8.05
N VAL A 168 -3.96 6.21 -8.87
CA VAL A 168 -2.81 7.01 -8.48
C VAL A 168 -3.18 8.49 -8.64
N ILE A 169 -2.99 9.27 -7.58
CA ILE A 169 -3.14 10.73 -7.63
C ILE A 169 -1.75 11.34 -7.60
N VAL A 170 -1.48 12.26 -8.53
CA VAL A 170 -0.26 13.07 -8.52
C VAL A 170 -0.73 14.51 -8.29
N ALA A 171 -0.33 15.10 -7.16
CA ALA A 171 -0.84 16.41 -6.80
C ALA A 171 0.07 17.06 -5.75
N GLU A 172 0.07 18.40 -5.75
CA GLU A 172 0.95 19.14 -4.86
C GLU A 172 0.56 19.00 -3.40
N VAL A 173 1.58 18.92 -2.54
CA VAL A 173 1.36 19.02 -1.11
C VAL A 173 0.95 20.45 -0.75
N ARG A 174 0.03 20.58 0.19
CA ARG A 174 -0.29 21.89 0.73
C ARG A 174 -0.05 21.88 2.24
N SER A 175 -0.95 22.48 3.02
CA SER A 175 -0.71 22.56 4.45
C SER A 175 -0.63 21.16 5.06
N THR A 176 -0.13 21.11 6.29
CA THR A 176 0.02 19.84 6.98
C THR A 176 -1.32 19.14 7.08
N SER A 177 -1.37 17.94 6.54
CA SER A 177 -2.49 17.02 6.64
C SER A 177 -3.62 17.38 5.70
N HIS A 178 -3.40 18.32 4.78
CA HIS A 178 -4.43 18.69 3.81
C HIS A 178 -4.43 17.67 2.67
N LYS A 179 -5.52 16.91 2.53
CA LYS A 179 -5.62 15.95 1.44
C LYS A 179 -5.85 16.68 0.11
N PRO A 180 -5.52 16.05 -1.01
CA PRO A 180 -5.66 16.73 -2.31
C PRO A 180 -7.11 16.81 -2.74
N ASP A 181 -7.48 17.95 -3.34
CA ASP A 181 -8.87 18.13 -3.77
C ASP A 181 -9.25 17.20 -4.91
N GLU A 182 -8.26 16.59 -5.60
CA GLU A 182 -8.56 15.68 -6.68
C GLU A 182 -9.47 14.54 -6.23
N ILE A 183 -9.38 14.15 -4.96
CA ILE A 183 -10.19 13.04 -4.47
C ILE A 183 -11.68 13.35 -4.59
N TYR A 184 -12.08 14.61 -4.37
CA TYR A 184 -13.50 14.95 -4.52
C TYR A 184 -13.95 14.78 -5.97
N GLY A 185 -13.11 15.17 -6.92
CA GLY A 185 -13.46 14.99 -8.31
C GLY A 185 -13.59 13.53 -8.69
N MET A 186 -12.66 12.70 -8.23
CA MET A 186 -12.73 11.27 -8.53
C MET A 186 -14.00 10.68 -7.96
N ILE A 187 -14.37 11.14 -6.76
CA ILE A 187 -15.56 10.60 -6.11
C ILE A 187 -16.81 11.12 -6.80
N GLU A 188 -16.79 12.37 -7.27
CA GLU A 188 -17.94 12.90 -7.98
C GLU A 188 -18.15 12.18 -9.31
N ARG A 189 -17.07 11.85 -10.01
CA ARG A 189 -17.23 11.13 -11.27
C ARG A 189 -17.69 9.70 -11.02
N LEU A 190 -17.20 9.10 -9.94
CA LEU A 190 -17.64 7.77 -9.55
C LEU A 190 -19.15 7.74 -9.25
N SER A 191 -19.65 8.78 -8.59
CA SER A 191 -21.01 8.75 -8.04
C SER A 191 -21.57 10.18 -8.13
N PRO A 192 -21.93 10.63 -9.34
CA PRO A 192 -22.32 12.03 -9.50
C PRO A 192 -23.68 12.31 -8.89
N GLY A 193 -23.77 13.47 -8.21
CA GLY A 193 -25.03 13.98 -7.71
C GLY A 193 -25.51 13.38 -6.40
N THR A 194 -24.89 12.31 -5.91
CA THR A 194 -25.35 11.61 -4.71
C THR A 194 -24.87 12.29 -3.43
N ARG A 195 -25.50 11.90 -2.31
CA ARG A 195 -25.18 12.45 -0.99
C ARG A 195 -23.90 11.82 -0.46
N LYS A 196 -22.97 12.64 0.04
CA LYS A 196 -21.72 12.13 0.58
C LYS A 196 -21.45 12.76 1.95
N ILE A 197 -20.66 12.07 2.78
CA ILE A 197 -20.33 12.55 4.11
C ILE A 197 -18.84 12.38 4.37
N GLU A 198 -18.21 13.44 4.88
CA GLU A 198 -16.80 13.44 5.26
C GLU A 198 -16.68 13.52 6.77
N LEU A 199 -15.91 12.60 7.35
CA LEU A 199 -15.59 12.58 8.77
C LEU A 199 -14.20 13.14 9.02
N PHE A 200 -14.08 13.96 10.07
CA PHE A 200 -12.83 14.60 10.46
C PHE A 200 -12.37 15.61 9.41
N GLY A 201 -13.32 16.27 8.78
CA GLY A 201 -12.98 17.31 7.85
C GLY A 201 -12.71 18.64 8.55
N ARG A 202 -12.12 19.56 7.80
CA ARG A 202 -11.83 20.91 8.26
C ARG A 202 -12.57 21.90 7.35
N PRO A 203 -12.63 23.19 7.69
CA PRO A 203 -13.38 24.13 6.82
C PRO A 203 -13.03 24.07 5.34
N HIS A 204 -11.74 23.95 4.97
CA HIS A 204 -11.43 23.89 3.55
C HIS A 204 -11.96 22.63 2.87
N ASN A 205 -12.52 21.68 3.63
CA ASN A 205 -13.00 20.44 3.05
C ASN A 205 -14.46 20.50 2.62
N VAL A 206 -15.22 21.54 2.99
CA VAL A 206 -16.64 21.54 2.68
C VAL A 206 -16.82 21.64 1.18
N GLN A 207 -17.76 20.89 0.65
CA GLN A 207 -17.96 20.73 -0.79
C GLN A 207 -19.44 20.55 -1.05
N PRO A 208 -19.92 20.91 -2.25
CA PRO A 208 -21.31 20.61 -2.59
C PRO A 208 -21.53 19.10 -2.64
N ASN A 209 -22.76 18.71 -2.33
CA ASN A 209 -23.20 17.33 -2.18
C ASN A 209 -22.61 16.65 -0.95
N TRP A 210 -21.76 17.33 -0.17
CA TRP A 210 -21.14 16.74 1.00
C TRP A 210 -21.66 17.39 2.28
N ILE A 211 -21.83 16.57 3.32
CA ILE A 211 -21.94 17.05 4.70
C ILE A 211 -20.60 16.75 5.39
N THR A 212 -20.03 17.77 6.03
CA THR A 212 -18.72 17.63 6.65
C THR A 212 -18.83 17.66 8.17
N LEU A 213 -18.23 16.68 8.84
CA LEU A 213 -18.20 16.63 10.29
C LEU A 213 -16.79 16.83 10.79
N GLY A 214 -16.65 17.61 11.85
CA GLY A 214 -15.34 17.84 12.45
C GLY A 214 -15.46 18.89 13.54
N ASN A 215 -14.48 18.87 14.46
CA ASN A 215 -14.60 19.73 15.64
C ASN A 215 -13.93 21.08 15.48
N GLN A 216 -13.32 21.38 14.34
CA GLN A 216 -12.83 22.72 14.04
C GLN A 216 -13.64 23.37 12.91
N LEU A 217 -14.80 22.84 12.59
CA LEU A 217 -15.73 23.56 11.73
C LEU A 217 -16.44 24.64 12.53
N ASP A 218 -17.01 25.59 11.81
CA ASP A 218 -17.59 26.80 12.42
C ASP A 218 -19.09 26.59 12.52
N GLY A 219 -19.54 26.10 13.69
CA GLY A 219 -20.95 25.96 13.97
C GLY A 219 -21.61 24.84 13.18
N ILE A 220 -22.92 24.97 13.01
CA ILE A 220 -23.74 24.00 12.29
C ILE A 220 -24.36 24.73 11.11
N HIS A 221 -24.35 24.09 9.93
CA HIS A 221 -24.89 24.68 8.71
C HIS A 221 -25.56 23.55 7.93
N LEU A 222 -26.88 23.43 8.07
CA LEU A 222 -27.65 22.35 7.47
C LEU A 222 -28.77 22.93 6.61
N LEU A 223 -28.97 22.33 5.43
CA LEU A 223 -29.90 22.87 4.44
C LEU A 223 -30.87 21.81 3.92
N ASP A 224 -30.45 20.55 3.93
CA ASP A 224 -31.35 19.44 3.62
C ASP A 224 -32.50 19.40 4.62
N PRO A 225 -33.75 19.52 4.17
CA PRO A 225 -34.87 19.56 5.13
C PRO A 225 -35.03 18.29 5.96
N ASP A 226 -34.79 17.11 5.36
CA ASP A 226 -34.87 15.87 6.13
C ASP A 226 -33.88 15.88 7.29
N VAL A 227 -32.66 16.38 7.04
CA VAL A 227 -31.64 16.41 8.07
C VAL A 227 -31.96 17.46 9.13
N VAL A 228 -32.36 18.66 8.69
CA VAL A 228 -32.78 19.71 9.62
C VAL A 228 -33.87 19.20 10.55
N ALA A 229 -34.88 18.53 9.98
CA ALA A 229 -35.99 18.03 10.80
C ALA A 229 -35.48 17.04 11.85
N ARG A 230 -34.70 16.04 11.42
CA ARG A 230 -34.23 15.05 12.38
C ARG A 230 -33.24 15.65 13.38
N PHE A 231 -32.44 16.63 12.96
CA PHE A 231 -31.53 17.28 13.90
C PHE A 231 -32.31 18.02 14.97
N LYS A 232 -33.40 18.69 14.59
CA LYS A 232 -34.16 19.48 15.55
C LYS A 232 -34.81 18.59 16.62
N GLN A 233 -35.39 17.44 16.26
CA GLN A 233 -36.00 16.65 17.32
C GLN A 233 -34.93 16.02 18.21
N ARG A 234 -33.82 15.59 17.61
CA ARG A 234 -32.78 14.91 18.38
C ARG A 234 -31.99 15.89 19.24
N TYR A 235 -31.85 17.13 18.78
CA TYR A 235 -31.05 18.13 19.49
C TYR A 235 -31.83 19.43 19.57
N PRO A 236 -32.95 19.44 20.30
CA PRO A 236 -33.83 20.62 20.32
C PRO A 236 -33.15 21.89 20.79
N ASP A 237 -32.16 21.80 21.68
CA ASP A 237 -31.41 22.97 22.13
C ASP A 237 -30.05 23.10 21.44
N GLY A 238 -29.79 22.33 20.38
CA GLY A 238 -28.59 22.51 19.60
C GLY A 238 -27.30 22.06 20.26
N ILE A 239 -27.38 21.32 21.37
CA ILE A 239 -26.21 20.88 22.10
C ILE A 239 -25.99 19.41 21.81
N ILE A 240 -24.73 19.03 21.53
CA ILE A 240 -24.36 17.66 21.21
C ILE A 240 -23.38 17.18 22.28
N SER A 241 -23.89 16.42 23.25
CA SER A 241 -23.10 15.98 24.40
C SER A 241 -23.15 14.46 24.54
N LYS A 242 -22.37 13.96 25.50
CA LYS A 242 -22.48 12.59 26.00
C LYS A 242 -22.46 11.54 24.90
N ASN B 12 -3.71 22.22 -12.13
CA ASN B 12 -3.88 21.15 -13.12
C ASN B 12 -4.27 19.83 -12.44
N ASP B 13 -5.44 19.32 -12.79
CA ASP B 13 -5.98 18.08 -12.21
C ASP B 13 -5.60 16.95 -13.16
N TYR B 14 -4.55 16.20 -12.80
CA TYR B 14 -4.16 15.07 -13.64
C TYR B 14 -5.14 13.92 -13.59
N CYS B 15 -6.00 13.83 -12.56
CA CYS B 15 -7.06 12.82 -12.60
C CYS B 15 -8.05 13.14 -13.72
N GLN B 16 -8.52 14.39 -13.77
CA GLN B 16 -9.36 14.82 -14.88
C GLN B 16 -8.65 14.60 -16.21
N HIS B 17 -7.37 14.94 -16.27
CA HIS B 17 -6.60 14.73 -17.50
C HIS B 17 -6.59 13.25 -17.90
N PHE B 18 -6.40 12.33 -16.95
CA PHE B 18 -6.46 10.92 -17.31
C PHE B 18 -7.83 10.55 -17.86
N VAL B 19 -8.89 11.10 -17.26
CA VAL B 19 -10.22 10.81 -17.75
C VAL B 19 -10.37 11.33 -19.18
N ASP B 20 -9.77 12.50 -19.45
CA ASP B 20 -9.89 13.16 -20.75
C ASP B 20 -9.07 12.49 -21.83
N THR B 21 -7.85 12.04 -21.50
CA THR B 21 -6.88 11.59 -22.48
C THR B 21 -6.44 10.14 -22.35
N GLY B 22 -6.55 9.52 -21.17
CA GLY B 22 -6.00 8.21 -20.97
C GLY B 22 -4.55 8.19 -20.51
N HIS B 23 -3.92 9.36 -20.40
CA HIS B 23 -2.57 9.44 -19.85
C HIS B 23 -2.64 9.39 -18.33
N ARG B 24 -2.04 8.36 -17.73
CA ARG B 24 -2.06 8.19 -16.28
C ARG B 24 -1.37 9.36 -15.59
N PRO B 25 -1.86 9.78 -14.41
CA PRO B 25 -1.22 10.94 -13.75
C PRO B 25 0.27 10.74 -13.52
N GLN B 26 0.72 9.51 -13.27
CA GLN B 26 2.14 9.26 -13.03
C GLN B 26 2.99 9.54 -14.27
N ASN B 27 2.39 9.65 -15.45
CA ASN B 27 3.13 10.01 -16.66
C ASN B 27 3.77 11.38 -16.55
N PHE B 28 3.30 12.22 -15.62
CA PHE B 28 3.74 13.60 -15.53
C PHE B 28 4.65 13.88 -14.34
N ILE B 29 5.02 12.85 -13.58
CA ILE B 29 6.04 13.01 -12.55
C ILE B 29 7.38 13.21 -13.24
N ARG B 30 8.15 14.18 -12.76
CA ARG B 30 9.41 14.55 -13.39
C ARG B 30 10.59 14.01 -12.60
N ASP B 31 11.71 13.85 -13.30
CA ASP B 31 12.98 13.46 -12.70
C ASP B 31 12.85 12.12 -11.97
N VAL B 32 12.27 11.14 -12.66
CA VAL B 32 12.01 9.82 -12.10
C VAL B 32 11.61 8.84 -13.20
N ARG B 45 24.38 14.70 -4.08
CA ARG B 45 25.14 14.13 -2.98
C ARG B 45 25.96 12.93 -3.43
N GLU B 46 25.49 12.23 -4.47
CA GLU B 46 26.11 11.01 -4.99
C GLU B 46 26.33 10.00 -3.87
N LEU B 47 27.60 9.75 -3.53
CA LEU B 47 27.99 8.87 -2.43
C LEU B 47 27.47 7.44 -2.57
N ILE B 48 26.25 7.29 -3.11
CA ILE B 48 25.63 5.99 -3.30
C ILE B 48 26.42 5.11 -4.26
N ARG B 49 27.29 5.71 -5.09
CA ARG B 49 28.06 4.91 -6.02
C ARG B 49 29.14 4.11 -5.29
N LEU B 50 29.79 4.71 -4.30
CA LEU B 50 30.73 3.95 -3.48
C LEU B 50 30.02 2.81 -2.76
N LYS B 51 28.90 3.12 -2.08
CA LYS B 51 28.10 2.10 -1.42
C LYS B 51 27.71 0.98 -2.37
N ASP B 52 27.28 1.32 -3.59
CA ASP B 52 27.04 0.30 -4.60
C ASP B 52 28.29 -0.53 -4.86
N GLU B 53 29.47 0.10 -4.80
CA GLU B 53 30.72 -0.62 -5.05
C GLU B 53 31.03 -1.57 -3.89
N LEU B 54 30.85 -1.13 -2.64
CA LEU B 54 31.05 -2.02 -1.50
C LEU B 54 30.10 -3.22 -1.57
N ILE B 55 28.82 -2.97 -1.83
CA ILE B 55 27.87 -4.06 -2.07
C ILE B 55 28.41 -5.03 -3.11
N ALA B 56 28.91 -4.50 -4.22
CA ALA B 56 29.38 -5.39 -5.29
C ALA B 56 30.59 -6.18 -4.84
N LYS B 57 31.46 -5.56 -4.03
CA LYS B 57 32.65 -6.27 -3.55
C LYS B 57 32.28 -7.40 -2.60
N SER B 58 31.31 -7.17 -1.71
CA SER B 58 31.03 -8.20 -0.72
C SER B 58 30.05 -9.26 -1.23
N ASN B 59 29.38 -9.04 -2.37
CA ASN B 59 28.40 -10.00 -2.88
C ASN B 59 28.99 -11.39 -3.01
N THR B 60 28.22 -12.39 -2.58
CA THR B 60 28.55 -13.77 -2.88
C THR B 60 28.35 -14.05 -4.37
N PRO B 61 28.98 -15.10 -4.89
CA PRO B 61 28.66 -15.58 -6.23
C PRO B 61 27.17 -15.87 -6.34
N PRO B 62 26.56 -15.64 -7.51
CA PRO B 62 25.15 -15.99 -7.66
C PRO B 62 24.98 -17.48 -7.49
N MET B 63 23.96 -17.86 -6.73
CA MET B 63 23.63 -19.27 -6.53
CA MET B 63 23.62 -19.25 -6.50
C MET B 63 22.17 -19.45 -6.90
N TYR B 64 21.83 -20.64 -7.39
CA TYR B 64 20.48 -20.79 -7.91
C TYR B 64 20.12 -22.27 -7.93
N LEU B 65 18.81 -22.53 -7.81
CA LEU B 65 18.34 -23.90 -7.67
C LEU B 65 16.97 -24.02 -8.30
N GLN B 66 16.85 -24.93 -9.25
CA GLN B 66 15.55 -25.28 -9.80
C GLN B 66 14.82 -26.14 -8.77
N ALA B 67 13.64 -25.71 -8.35
CA ALA B 67 12.89 -26.45 -7.36
C ALA B 67 11.41 -26.14 -7.56
N ASP B 68 10.58 -27.17 -7.51
CA ASP B 68 9.13 -26.96 -7.50
C ASP B 68 8.72 -26.67 -6.07
N ILE B 69 8.52 -25.39 -5.76
CA ILE B 69 8.37 -24.95 -4.38
C ILE B 69 7.11 -25.53 -3.74
N GLU B 70 6.12 -25.96 -4.53
CA GLU B 70 4.93 -26.56 -3.93
C GLU B 70 5.21 -27.96 -3.37
N ALA B 71 6.16 -28.69 -3.95
CA ALA B 71 6.53 -30.02 -3.49
C ALA B 71 7.85 -30.06 -2.75
N PHE B 72 8.52 -28.92 -2.62
CA PHE B 72 9.89 -28.86 -2.14
C PHE B 72 9.85 -28.57 -0.65
N ASP B 73 10.71 -29.25 0.10
CA ASP B 73 10.83 -28.99 1.54
C ASP B 73 11.78 -27.81 1.70
N ILE B 74 11.23 -26.61 1.87
CA ILE B 74 12.11 -25.43 1.89
C ILE B 74 13.11 -25.47 3.03
N ARG B 75 12.89 -26.31 4.04
CA ARG B 75 13.89 -26.45 5.10
C ARG B 75 15.23 -26.96 4.58
N GLU B 76 15.26 -27.52 3.36
CA GLU B 76 16.53 -27.89 2.75
C GLU B 76 17.38 -26.68 2.39
N LEU B 77 16.77 -25.49 2.38
CA LEU B 77 17.45 -24.24 2.07
C LEU B 77 18.08 -23.72 3.35
N THR B 78 19.39 -23.81 3.44
CA THR B 78 20.16 -23.40 4.60
C THR B 78 21.34 -22.57 4.13
N PRO B 79 21.89 -21.69 4.99
CA PRO B 79 21.42 -21.45 6.36
C PRO B 79 20.25 -20.47 6.38
N LYS B 80 19.84 -20.02 7.56
CA LYS B 80 18.68 -19.14 7.63
C LYS B 80 19.03 -17.79 7.03
N PHE B 81 18.03 -17.17 6.40
CA PHE B 81 18.29 -16.02 5.56
C PHE B 81 18.06 -14.70 6.27
N ASP B 82 18.89 -13.71 5.90
CA ASP B 82 18.74 -12.36 6.39
C ASP B 82 17.65 -11.60 5.65
N VAL B 83 17.48 -11.89 4.37
CA VAL B 83 16.53 -11.23 3.50
C VAL B 83 15.86 -12.28 2.63
N ILE B 84 14.53 -12.22 2.55
CA ILE B 84 13.77 -13.07 1.64
C ILE B 84 12.95 -12.17 0.73
N LEU B 85 13.12 -12.34 -0.57
CA LEU B 85 12.30 -11.69 -1.60
C LEU B 85 11.36 -12.74 -2.16
N LEU B 86 10.07 -12.53 -2.02
CA LEU B 86 9.08 -13.55 -2.36
C LEU B 86 8.18 -13.03 -3.47
N GLU B 87 8.17 -13.74 -4.61
CA GLU B 87 7.55 -13.26 -5.85
C GLU B 87 6.63 -14.32 -6.43
N PRO B 88 5.61 -14.77 -5.69
CA PRO B 88 4.77 -15.88 -6.18
C PRO B 88 4.02 -15.46 -7.43
N PRO B 89 3.90 -16.35 -8.41
CA PRO B 89 3.24 -15.99 -9.66
C PRO B 89 1.72 -15.95 -9.49
N LEU B 90 1.18 -14.75 -9.28
CA LEU B 90 -0.26 -14.58 -9.12
C LEU B 90 -0.98 -14.61 -10.46
N GLU B 91 -2.20 -15.17 -10.47
CA GLU B 91 -2.99 -15.20 -11.70
C GLU B 91 -3.28 -13.80 -12.24
N GLU B 92 -3.47 -12.82 -11.35
CA GLU B 92 -3.73 -11.46 -11.84
C GLU B 92 -2.62 -10.95 -12.75
N TYR B 93 -1.41 -11.52 -12.65
CA TYR B 93 -0.30 -11.09 -13.48
C TYR B 93 -0.47 -11.46 -14.95
N TYR B 94 -1.37 -12.40 -15.26
CA TYR B 94 -1.57 -12.89 -16.62
C TYR B 94 -2.98 -12.52 -17.08
N ARG B 95 -3.05 -11.62 -18.06
CA ARG B 95 -4.34 -11.18 -18.59
C ARG B 95 -4.21 -10.66 -20.02
N LYS B 104 2.26 -22.52 -13.79
CA LYS B 104 1.43 -22.83 -12.63
C LYS B 104 1.27 -21.59 -11.75
N CYS B 105 0.04 -21.07 -11.63
CA CYS B 105 -0.23 -19.88 -10.83
C CYS B 105 -0.46 -20.24 -9.37
N TRP B 106 -0.04 -19.34 -8.50
CA TRP B 106 -0.11 -19.53 -7.06
C TRP B 106 -1.24 -18.68 -6.49
N THR B 107 -2.12 -19.30 -5.72
CA THR B 107 -3.15 -18.56 -4.99
C THR B 107 -2.63 -18.14 -3.62
N TRP B 108 -3.35 -17.20 -3.00
CA TRP B 108 -2.94 -16.83 -1.65
C TRP B 108 -3.14 -17.97 -0.67
N ASP B 109 -4.05 -18.91 -0.95
CA ASP B 109 -4.10 -20.16 -0.19
C ASP B 109 -2.75 -20.87 -0.20
N ASP B 110 -2.19 -21.08 -1.39
CA ASP B 110 -0.88 -21.70 -1.56
C ASP B 110 0.20 -20.92 -0.82
N ILE B 111 0.24 -19.60 -1.03
CA ILE B 111 1.34 -18.79 -0.51
C ILE B 111 1.32 -18.80 1.02
N MET B 112 0.14 -18.58 1.59
CA MET B 112 0.00 -18.56 3.05
C MET B 112 0.46 -19.85 3.71
N LYS B 113 0.47 -20.96 2.97
CA LYS B 113 0.85 -22.24 3.54
C LYS B 113 2.35 -22.51 3.40
N LEU B 114 3.10 -21.64 2.73
CA LEU B 114 4.55 -21.75 2.76
C LEU B 114 5.05 -21.53 4.18
N GLU B 115 6.04 -22.31 4.61
CA GLU B 115 6.55 -22.16 5.98
CA GLU B 115 6.54 -22.14 5.98
C GLU B 115 7.82 -21.30 5.97
N ILE B 116 7.62 -20.04 5.60
CA ILE B 116 8.72 -19.09 5.48
C ILE B 116 9.41 -18.88 6.81
N ASP B 117 8.65 -18.91 7.91
CA ASP B 117 9.25 -18.77 9.23
C ASP B 117 10.30 -19.84 9.50
N GLU B 118 10.25 -20.96 8.79
CA GLU B 118 11.20 -22.04 9.06
C GLU B 118 12.58 -21.77 8.47
N ILE B 119 12.73 -20.81 7.57
CA ILE B 119 14.02 -20.53 6.95
C ILE B 119 14.48 -19.09 7.17
N ALA B 120 13.69 -18.26 7.86
CA ALA B 120 14.06 -16.89 8.15
C ALA B 120 14.92 -16.82 9.40
N ALA B 121 15.96 -16.02 9.36
CA ALA B 121 16.79 -15.83 10.54
C ALA B 121 16.00 -15.10 11.62
N PRO B 122 16.35 -15.31 12.91
CA PRO B 122 15.60 -14.63 13.99
C PRO B 122 15.45 -13.13 13.79
N ARG B 123 16.50 -12.47 13.30
CA ARG B 123 16.41 -11.08 12.86
C ARG B 123 16.57 -11.10 11.34
N SER B 124 15.56 -10.63 10.63
CA SER B 124 15.54 -10.80 9.18
C SER B 124 14.38 -10.02 8.59
N PHE B 125 14.38 -9.95 7.27
CA PHE B 125 13.48 -9.08 6.52
C PHE B 125 12.85 -9.86 5.38
N ILE B 126 11.66 -9.43 4.98
CA ILE B 126 10.95 -10.05 3.86
C ILE B 126 10.43 -8.93 2.98
N PHE B 127 10.42 -9.20 1.67
CA PHE B 127 9.86 -8.31 0.65
C PHE B 127 8.90 -9.18 -0.15
N LEU B 128 7.61 -8.90 -0.04
CA LEU B 128 6.55 -9.73 -0.62
C LEU B 128 5.82 -8.92 -1.68
N TRP B 129 5.94 -9.36 -2.95
CA TRP B 129 5.16 -8.77 -4.03
C TRP B 129 3.71 -9.23 -3.89
N CYS B 130 2.79 -8.30 -3.71
CA CYS B 130 1.40 -8.58 -3.39
C CYS B 130 0.42 -8.25 -4.50
N GLY B 131 0.87 -7.71 -5.63
CA GLY B 131 -0.08 -7.34 -6.67
C GLY B 131 -0.84 -6.07 -6.36
N SER B 132 -2.13 -6.04 -6.70
CA SER B 132 -2.92 -4.83 -6.53
C SER B 132 -4.34 -5.13 -6.06
N GLY B 133 -4.66 -6.39 -5.79
CA GLY B 133 -6.00 -6.75 -5.38
C GLY B 133 -6.03 -7.35 -3.99
N GLU B 134 -6.62 -8.54 -3.83
CA GLU B 134 -6.76 -9.09 -2.48
C GLU B 134 -5.42 -9.39 -1.82
N GLY B 135 -4.33 -9.49 -2.59
CA GLY B 135 -3.02 -9.67 -1.97
C GLY B 135 -2.62 -8.55 -1.02
N LEU B 136 -3.16 -7.34 -1.20
CA LEU B 136 -2.77 -6.28 -0.26
C LEU B 136 -3.27 -6.57 1.15
N ASP B 137 -4.31 -7.38 1.27
CA ASP B 137 -4.79 -7.84 2.57
C ASP B 137 -4.18 -9.17 2.96
N LEU B 138 -4.26 -10.15 2.04
CA LEU B 138 -3.75 -11.49 2.32
C LEU B 138 -2.23 -11.49 2.48
N GLY B 139 -1.52 -10.61 1.78
CA GLY B 139 -0.08 -10.53 2.01
C GLY B 139 0.25 -10.08 3.41
N ARG B 140 -0.60 -9.22 4.00
CA ARG B 140 -0.35 -8.81 5.37
C ARG B 140 -0.64 -9.94 6.34
N VAL B 141 -1.70 -10.73 6.10
CA VAL B 141 -1.94 -11.93 6.90
C VAL B 141 -0.73 -12.85 6.86
N CYS B 142 -0.16 -13.05 5.66
CA CYS B 142 1.05 -13.86 5.51
C CYS B 142 2.18 -13.33 6.36
N LEU B 143 2.50 -12.02 6.24
CA LEU B 143 3.60 -11.46 7.00
C LEU B 143 3.43 -11.78 8.50
N ARG B 144 2.22 -11.54 9.03
CA ARG B 144 2.00 -11.80 10.45
C ARG B 144 2.08 -13.29 10.76
N LYS B 145 1.58 -14.13 9.87
CA LYS B 145 1.64 -15.56 10.08
C LYS B 145 3.08 -16.05 10.20
N TRP B 146 3.98 -15.46 9.41
CA TRP B 146 5.38 -15.84 9.43
C TRP B 146 6.19 -15.11 10.48
N GLY B 147 5.56 -14.22 11.25
CA GLY B 147 6.22 -13.58 12.35
C GLY B 147 6.81 -12.22 12.07
N TYR B 148 6.44 -11.61 10.94
CA TYR B 148 6.97 -10.28 10.63
C TYR B 148 5.96 -9.19 10.99
N ARG B 149 6.47 -7.98 11.13
CA ARG B 149 5.59 -6.82 11.10
C ARG B 149 5.96 -5.95 9.91
N ARG B 150 4.95 -5.39 9.27
CA ARG B 150 5.19 -4.57 8.10
C ARG B 150 5.79 -3.24 8.52
N CYS B 151 6.87 -2.86 7.87
CA CYS B 151 7.49 -1.59 8.13
C CYS B 151 7.55 -0.65 6.94
N GLU B 152 7.41 -1.14 5.71
CA GLU B 152 7.24 -0.27 4.55
C GLU B 152 6.27 -0.90 3.58
N ASP B 153 5.65 -0.06 2.77
CA ASP B 153 4.79 -0.47 1.66
C ASP B 153 5.38 0.20 0.42
N ILE B 154 6.04 -0.57 -0.44
CA ILE B 154 6.74 -0.05 -1.60
C ILE B 154 5.83 -0.20 -2.82
N CYS B 155 5.53 0.90 -3.48
N CYS B 155 5.52 0.91 -3.47
CA CYS B 155 4.59 0.91 -4.59
CA CYS B 155 4.59 0.90 -4.60
C CYS B 155 5.32 1.04 -5.92
C CYS B 155 5.33 1.03 -5.92
N TRP B 156 5.12 0.05 -6.79
CA TRP B 156 5.60 0.11 -8.18
C TRP B 156 4.49 0.77 -9.00
N ILE B 157 4.74 2.00 -9.44
CA ILE B 157 3.76 2.81 -10.16
C ILE B 157 4.10 2.71 -11.64
N LYS B 158 3.11 2.33 -12.45
CA LYS B 158 3.34 2.02 -13.86
C LYS B 158 2.83 3.15 -14.75
N THR B 159 3.73 3.78 -15.51
CA THR B 159 3.32 4.80 -16.46
C THR B 159 2.85 4.15 -17.76
N ASN B 160 2.14 4.93 -18.57
CA ASN B 160 1.64 4.45 -19.86
C ASN B 160 1.92 5.49 -20.94
N LYS B 161 3.11 6.09 -20.87
CA LYS B 161 3.52 7.12 -21.83
C LYS B 161 3.47 6.61 -23.26
N ASN B 162 3.65 5.31 -23.45
CA ASN B 162 3.75 4.74 -24.78
C ASN B 162 2.42 4.23 -25.32
N ASN B 163 1.44 3.99 -24.46
CA ASN B 163 0.13 3.50 -24.91
C ASN B 163 -1.00 4.18 -24.14
N PRO B 164 -1.09 5.54 -24.20
CA PRO B 164 -2.18 6.30 -23.55
C PRO B 164 -3.56 5.68 -23.68
N LEU B 170 -10.76 -4.81 -16.22
CA LEU B 170 -10.96 -4.40 -14.83
C LEU B 170 -11.51 -5.55 -13.96
N ASP B 171 -10.78 -5.90 -12.87
CA ASP B 171 -11.26 -6.72 -11.77
C ASP B 171 -12.72 -6.38 -11.45
N PRO B 172 -13.61 -7.38 -11.40
CA PRO B 172 -15.01 -7.07 -11.06
C PRO B 172 -15.19 -6.31 -9.76
N LYS B 173 -14.34 -6.52 -8.76
CA LYS B 173 -14.43 -5.77 -7.52
C LYS B 173 -13.85 -4.36 -7.64
N ALA B 174 -13.03 -4.09 -8.66
CA ALA B 174 -12.30 -2.82 -8.73
C ALA B 174 -13.24 -1.62 -8.89
N VAL B 175 -12.85 -0.52 -8.27
CA VAL B 175 -13.56 0.75 -8.34
C VAL B 175 -12.81 1.66 -9.32
N PHE B 176 -11.50 1.48 -9.38
CA PHE B 176 -10.63 2.31 -10.20
C PHE B 176 -9.75 1.43 -11.07
N GLN B 177 -9.23 2.02 -12.15
CA GLN B 177 -8.21 1.36 -12.94
C GLN B 177 -6.96 1.17 -12.08
N ARG B 178 -6.43 -0.05 -12.08
CA ARG B 178 -5.29 -0.39 -11.23
C ARG B 178 -4.00 -0.23 -12.03
N THR B 179 -3.16 0.70 -11.58
CA THR B 179 -1.97 1.10 -12.32
C THR B 179 -0.68 0.94 -11.49
N LYS B 180 -0.72 0.11 -10.45
CA LYS B 180 0.43 -0.03 -9.57
C LYS B 180 0.39 -1.43 -8.97
N GLU B 181 1.52 -1.82 -8.38
CA GLU B 181 1.66 -3.04 -7.60
C GLU B 181 2.37 -2.68 -6.29
N HIS B 182 2.13 -3.48 -5.25
CA HIS B 182 2.72 -3.25 -3.94
C HIS B 182 3.68 -4.37 -3.57
N CYS B 183 4.85 -3.98 -3.05
CA CYS B 183 5.82 -4.89 -2.45
C CYS B 183 5.92 -4.52 -0.96
N LEU B 184 5.42 -5.40 -0.10
CA LEU B 184 5.43 -5.16 1.34
C LEU B 184 6.75 -5.61 1.96
N MET B 185 7.32 -4.73 2.79
CA MET B 185 8.53 -4.99 3.57
C MET B 185 8.17 -5.34 5.00
N GLY B 186 8.64 -6.50 5.46
CA GLY B 186 8.41 -6.95 6.83
C GLY B 186 9.72 -7.18 7.55
N ILE B 187 9.69 -6.99 8.86
CA ILE B 187 10.84 -7.20 9.74
C ILE B 187 10.44 -8.17 10.84
N LYS B 188 11.38 -9.01 11.24
CA LYS B 188 11.21 -9.79 12.44
C LYS B 188 12.47 -9.68 13.28
N GLY B 189 12.29 -9.74 14.58
CA GLY B 189 13.38 -9.55 15.50
C GLY B 189 13.58 -8.08 15.82
N THR B 190 14.70 -7.80 16.46
CA THR B 190 15.13 -6.44 16.72
C THR B 190 15.65 -5.80 15.44
N VAL B 204 18.33 6.40 1.89
CA VAL B 204 18.52 7.19 0.68
C VAL B 204 17.42 6.93 -0.36
N ASP B 205 16.68 5.83 -0.19
CA ASP B 205 15.65 5.46 -1.14
C ASP B 205 14.27 5.92 -0.67
N ILE B 206 13.32 5.91 -1.60
CA ILE B 206 11.95 6.29 -1.36
C ILE B 206 11.08 5.07 -1.62
N ASP B 207 9.87 5.05 -1.08
CA ASP B 207 9.00 3.88 -1.21
C ASP B 207 8.22 3.84 -2.52
N LEU B 208 8.82 4.34 -3.61
CA LEU B 208 8.17 4.37 -4.91
C LEU B 208 9.15 3.91 -5.98
N ILE B 209 8.66 3.11 -6.92
CA ILE B 209 9.40 2.73 -8.12
C ILE B 209 8.51 3.09 -9.29
N ILE B 210 9.04 3.88 -10.24
CA ILE B 210 8.23 4.37 -11.36
C ILE B 210 8.90 3.93 -12.67
N THR B 211 8.20 3.07 -13.41
CA THR B 211 8.65 2.61 -14.73
C THR B 211 7.43 2.48 -15.63
N GLU B 212 7.70 2.28 -16.93
CA GLU B 212 6.61 2.10 -17.88
C GLU B 212 6.00 0.71 -17.70
N GLU B 213 4.69 0.63 -17.90
CA GLU B 213 4.04 -0.66 -17.83
C GLU B 213 4.65 -1.62 -18.83
N PRO B 214 5.13 -2.78 -18.39
CA PRO B 214 5.76 -3.72 -19.33
C PRO B 214 4.75 -4.28 -20.33
N GLU B 215 5.30 -4.81 -21.42
CA GLU B 215 4.47 -5.40 -22.47
C GLU B 215 3.61 -6.53 -21.91
N ILE B 216 2.55 -6.85 -22.63
CA ILE B 216 1.63 -7.89 -22.19
C ILE B 216 2.38 -9.21 -22.03
N GLY B 217 2.04 -9.95 -20.97
CA GLY B 217 2.67 -11.22 -20.67
C GLY B 217 4.05 -11.13 -20.04
N ASN B 218 4.66 -9.95 -20.00
CA ASN B 218 5.92 -9.76 -19.28
C ASN B 218 5.59 -9.61 -17.80
N ILE B 219 6.00 -10.59 -17.00
CA ILE B 219 5.65 -10.62 -15.58
C ILE B 219 6.79 -10.15 -14.69
N GLU B 220 7.88 -9.67 -15.28
CA GLU B 220 9.05 -9.32 -14.46
C GLU B 220 8.73 -8.10 -13.59
N LYS B 221 9.35 -8.07 -12.41
CA LYS B 221 9.23 -6.90 -11.55
C LYS B 221 10.43 -6.00 -11.79
N PRO B 222 10.31 -4.71 -11.50
CA PRO B 222 11.44 -3.80 -11.74
C PRO B 222 12.67 -4.18 -10.93
N VAL B 223 13.81 -4.24 -11.61
CA VAL B 223 15.07 -4.58 -10.96
C VAL B 223 15.43 -3.59 -9.86
N GLU B 224 14.85 -2.38 -9.91
CA GLU B 224 15.03 -1.40 -8.85
C GLU B 224 14.71 -1.93 -7.46
N ILE B 225 13.83 -2.93 -7.35
CA ILE B 225 13.56 -3.49 -6.03
C ILE B 225 14.83 -4.08 -5.40
N PHE B 226 15.68 -4.70 -6.22
CA PHE B 226 16.94 -5.22 -5.68
C PHE B 226 17.82 -4.09 -5.18
N HIS B 227 17.84 -2.96 -5.89
CA HIS B 227 18.63 -1.82 -5.45
C HIS B 227 18.18 -1.33 -4.08
N ILE B 228 16.86 -1.19 -3.90
CA ILE B 228 16.32 -0.76 -2.61
C ILE B 228 16.75 -1.75 -1.52
N ILE B 229 16.54 -3.03 -1.76
CA ILE B 229 16.84 -4.05 -0.75
C ILE B 229 18.32 -4.03 -0.40
N GLU B 230 19.18 -3.98 -1.41
CA GLU B 230 20.61 -4.05 -1.14
C GLU B 230 21.12 -2.80 -0.43
N HIS B 231 20.55 -1.62 -0.73
CA HIS B 231 20.97 -0.40 -0.04
C HIS B 231 20.63 -0.39 1.45
N PHE B 232 19.75 -1.29 1.91
CA PHE B 232 19.46 -1.34 3.35
C PHE B 232 20.61 -1.95 4.15
N CYS B 233 21.53 -2.68 3.50
CA CYS B 233 22.67 -3.32 4.18
C CYS B 233 22.22 -4.26 5.29
N LEU B 234 21.35 -5.21 4.95
CA LEU B 234 20.65 -6.05 5.93
C LEU B 234 21.35 -7.37 6.23
N GLY B 235 22.51 -7.62 5.65
CA GLY B 235 23.10 -8.95 5.72
C GLY B 235 23.21 -9.58 4.36
N ARG B 236 23.93 -10.70 4.32
CA ARG B 236 24.40 -11.23 3.06
C ARG B 236 23.70 -12.50 2.60
N ARG B 237 22.91 -13.16 3.46
CA ARG B 237 22.18 -14.35 3.02
CA ARG B 237 22.16 -14.36 3.05
C ARG B 237 20.83 -13.89 2.48
N ARG B 238 20.74 -13.84 1.15
CA ARG B 238 19.59 -13.25 0.46
C ARG B 238 18.98 -14.31 -0.43
N LEU B 239 17.68 -14.57 -0.22
CA LEU B 239 16.95 -15.60 -0.94
C LEU B 239 15.85 -14.95 -1.78
N HIS B 240 15.76 -15.34 -3.05
CA HIS B 240 14.70 -14.88 -3.94
C HIS B 240 13.88 -16.11 -4.35
N LEU B 241 12.71 -16.26 -3.74
CA LEU B 241 11.82 -17.36 -4.07
C LEU B 241 10.94 -16.98 -5.24
N PHE B 242 10.76 -17.93 -6.17
CA PHE B 242 10.10 -17.77 -7.46
C PHE B 242 10.85 -16.84 -8.41
N GLY B 243 12.16 -16.69 -8.22
CA GLY B 243 12.99 -16.05 -9.24
C GLY B 243 13.09 -16.94 -10.47
N ARG B 244 13.78 -16.43 -11.50
CA ARG B 244 13.85 -17.07 -12.82
C ARG B 244 15.30 -16.95 -13.31
N ASP B 245 15.62 -17.61 -14.44
CA ASP B 245 16.96 -17.43 -15.01
C ASP B 245 17.27 -15.95 -15.15
N SER B 246 16.27 -15.17 -15.57
CA SER B 246 16.41 -13.74 -15.85
C SER B 246 16.62 -12.88 -14.61
N THR B 247 16.33 -13.37 -13.41
CA THR B 247 16.53 -12.55 -12.21
C THR B 247 17.78 -12.94 -11.43
N ILE B 248 18.53 -13.95 -11.86
CA ILE B 248 19.71 -14.36 -11.11
C ILE B 248 20.69 -13.20 -11.00
N ARG B 249 21.31 -13.06 -9.82
CA ARG B 249 22.03 -11.86 -9.46
C ARG B 249 23.13 -12.15 -8.46
N PRO B 250 24.31 -11.51 -8.58
CA PRO B 250 25.33 -11.68 -7.54
C PRO B 250 24.77 -11.29 -6.19
N GLY B 251 25.14 -12.05 -5.17
CA GLY B 251 24.70 -11.74 -3.84
C GLY B 251 23.38 -12.40 -3.45
N TRP B 252 22.78 -13.17 -4.35
CA TRP B 252 21.47 -13.74 -4.13
C TRP B 252 21.50 -15.24 -4.38
N LEU B 253 20.74 -15.97 -3.58
CA LEU B 253 20.34 -17.34 -3.91
C LEU B 253 18.94 -17.29 -4.50
N THR B 254 18.78 -17.79 -5.73
CA THR B 254 17.53 -17.78 -6.45
C THR B 254 16.95 -19.19 -6.53
N VAL B 255 15.69 -19.35 -6.13
CA VAL B 255 15.05 -20.67 -6.12
C VAL B 255 13.70 -20.56 -6.82
N GLY B 256 13.47 -21.42 -7.81
CA GLY B 256 12.21 -21.35 -8.50
C GLY B 256 12.00 -22.45 -9.50
N PRO B 257 10.74 -22.65 -9.90
CA PRO B 257 10.39 -23.81 -10.73
C PRO B 257 10.88 -23.73 -12.17
N THR B 258 11.11 -22.55 -12.74
CA THR B 258 11.42 -22.45 -14.16
C THR B 258 12.92 -22.34 -14.44
N LEU B 259 13.75 -22.32 -13.41
CA LEU B 259 15.20 -22.25 -13.61
C LEU B 259 15.65 -23.43 -14.47
N THR B 260 16.53 -23.15 -15.42
CA THR B 260 16.96 -24.19 -16.33
C THR B 260 18.18 -24.93 -15.80
N ASN B 261 18.93 -24.31 -14.91
CA ASN B 261 20.13 -24.90 -14.34
C ASN B 261 20.17 -24.63 -12.84
N SER B 262 20.97 -25.43 -12.14
CA SER B 262 21.22 -25.24 -10.71
C SER B 262 22.71 -25.28 -10.44
N ASN B 263 23.13 -24.57 -9.40
CA ASN B 263 24.48 -24.73 -8.89
C ASN B 263 24.49 -24.74 -7.36
N TYR B 264 23.33 -24.85 -6.72
CA TYR B 264 23.23 -24.71 -5.28
C TYR B 264 23.80 -25.94 -4.61
N ASN B 265 24.65 -25.71 -3.62
CA ASN B 265 25.15 -26.73 -2.72
C ASN B 265 25.14 -26.11 -1.33
N ALA B 266 24.40 -26.73 -0.41
CA ALA B 266 24.18 -26.10 0.91
C ALA B 266 25.49 -25.86 1.65
N GLU B 267 26.45 -26.79 1.57
CA GLU B 267 27.71 -26.61 2.27
C GLU B 267 28.54 -25.49 1.66
N THR B 268 28.66 -25.47 0.34
CA THR B 268 29.32 -24.36 -0.34
C THR B 268 28.68 -23.03 0.01
N TYR B 269 27.35 -22.96 -0.03
CA TYR B 269 26.66 -21.72 0.27
C TYR B 269 26.99 -21.26 1.69
N ALA B 270 26.87 -22.17 2.65
CA ALA B 270 27.15 -21.82 4.05
C ALA B 270 28.59 -21.34 4.24
N SER B 271 29.52 -21.89 3.46
CA SER B 271 30.92 -21.48 3.56
C SER B 271 31.13 -20.02 3.22
N TYR B 272 30.22 -19.40 2.45
CA TYR B 272 30.37 -17.98 2.19
C TYR B 272 30.17 -17.13 3.45
N PHE B 273 29.47 -17.65 4.45
CA PHE B 273 29.11 -16.90 5.64
C PHE B 273 29.79 -17.40 6.90
N SER B 274 30.66 -18.40 6.80
CA SER B 274 31.39 -18.89 7.96
C SER B 274 32.40 -17.84 8.42
N ALA B 275 32.83 -17.97 9.68
CA ALA B 275 33.72 -16.97 10.28
C ALA B 275 34.97 -16.78 9.41
N PRO B 276 35.53 -15.56 9.35
CA PRO B 276 35.10 -14.38 10.11
C PRO B 276 33.97 -13.54 9.48
N ASN B 277 33.15 -14.12 8.61
CA ASN B 277 32.23 -13.36 7.77
C ASN B 277 30.77 -13.49 8.19
N SER B 278 30.50 -14.03 9.38
CA SER B 278 29.14 -14.41 9.76
C SER B 278 28.19 -13.22 9.92
N TYR B 279 28.72 -12.02 10.17
CA TYR B 279 27.87 -10.91 10.59
C TYR B 279 28.01 -9.68 9.69
N LEU B 280 28.65 -9.80 8.54
CA LEU B 280 28.79 -8.66 7.65
C LEU B 280 27.42 -8.19 7.16
N THR B 281 27.31 -6.90 6.89
CA THR B 281 26.06 -6.32 6.40
C THR B 281 25.91 -6.40 4.89
N GLY B 282 26.96 -6.75 4.16
CA GLY B 282 26.94 -6.62 2.73
C GLY B 282 27.32 -5.25 2.21
N CYS B 283 27.59 -4.29 3.10
CA CYS B 283 27.97 -2.94 2.71
C CYS B 283 29.34 -2.54 3.26
N THR B 284 30.17 -3.50 3.67
CA THR B 284 31.47 -3.21 4.23
C THR B 284 32.54 -3.99 3.48
N GLU B 285 33.78 -3.52 3.61
CA GLU B 285 34.89 -4.16 2.92
C GLU B 285 35.05 -5.62 3.36
N GLU B 286 35.52 -6.46 2.44
CA GLU B 286 35.83 -7.83 2.81
C GLU B 286 36.94 -7.87 3.86
N ILE B 287 36.94 -8.91 4.66
CA ILE B 287 37.90 -9.06 5.75
C ILE B 287 39.15 -9.77 5.23
N GLU B 288 40.32 -9.16 5.46
CA GLU B 288 41.57 -9.64 4.88
C GLU B 288 41.86 -11.08 5.29
N ARG B 289 42.06 -11.94 4.28
CA ARG B 289 42.55 -13.29 4.48
C ARG B 289 44.05 -13.34 4.25
N LEU B 290 44.75 -14.10 5.09
CA LEU B 290 46.18 -14.37 4.93
C LEU B 290 47.11 -13.15 5.05
C10 UXK C . -6.61 14.38 10.26
C13 UXK C . -6.12 15.59 10.76
C15 UXK C . -8.39 16.57 11.20
C17 UXK C . -10.60 16.90 12.20
C20 UXK C . -9.75 16.18 14.87
C22 UXK C . -12.19 15.78 15.29
C24 UXK C . -14.46 15.47 15.44
C26 UXK C . -13.19 14.42 17.10
C28 UXK C . -12.03 13.22 19.10
C01 UXK C . -2.08 13.98 4.28
C02 UXK C . -3.40 13.11 4.51
C03 UXK C . -4.17 12.91 3.18
C04 UXK C . -4.27 13.89 5.46
C05 UXK C . -3.72 13.88 6.89
C07 UXK C . -3.50 12.59 8.89
C08 UXK C . -4.43 13.61 9.55
C09 UXK C . -5.80 13.40 9.66
C12 UXK C . -4.72 15.71 10.62
C16 UXK C . -9.15 16.90 12.47
C18 UXK C . -11.41 17.28 13.45
C19 UXK C . -8.93 15.89 13.61
C29 UXK C . -11.38 14.24 20.06
C30 UXK C . -10.13 14.00 20.68
C31 UXK C . -9.56 14.93 21.55
C32 UXK C . -10.18 16.15 21.84
C33 UXK C . -11.41 16.41 21.24
C34 UXK C . -11.99 15.48 20.37
C35 UXK C . -12.05 14.98 16.46
C37 UXK C . -7.32 18.26 13.26
C38 UXK C . -6.38 17.74 12.11
C39 UXK C . -2.65 11.85 6.68
C40 UXK C . -3.03 11.76 5.16
N06 UXK C . -3.75 12.51 7.41
N11 UXK C . -3.91 14.78 10.05
N14 UXK C . -6.95 16.57 11.35
N21 UXK C . -11.14 16.38 14.59
N23 UXK C . -13.43 16.02 14.78
N25 UXK C . -14.42 14.68 16.56
N27 UXK C . -13.16 13.63 18.25
O36 UXK C . -8.67 18.11 13.05
C ACT D . 1.50 -6.23 10.03
O ACT D . 2.52 -5.64 10.44
OXT ACT D . 0.40 -6.33 10.57
CH3 ACT D . 1.58 -6.96 8.61
#